data_8DPK
#
_entry.id   8DPK
#
_cell.length_a   45.606
_cell.length_b   80.441
_cell.length_c   76.076
_cell.angle_alpha   90.000
_cell.angle_beta   102.730
_cell.angle_gamma   90.000
#
_symmetry.space_group_name_H-M   'P 1 21 1'
#
loop_
_entity.id
_entity.type
_entity.pdbx_description
1 polymer RESC5
2 water water
#
_entity_poly.entity_id   1
_entity_poly.type   'polypeptide(L)'
_entity_poly.pdbx_seq_one_letter_code
;MGSSHHHHHHSSGLVPRGSHMNNALHAFVRSPHYRTIPSAGPNGIVVNRDMLVHQFRDFYKTLQHCSLVDKVHLMSERPS
VEALRVADQMVSIGATFLEMPLTGMEHRATEFMESMRYVRGAGGPSTLASYLQDTENCRCNSGDVVCLPNGIAVGHGPRT
NAVAHTTLKQLFEVKDDQFSFDVFTLEQEGDAPPLGDYFGFAGSNVLLTWKDEHGLLAVDQYQQKQPHTEMNVVYLEPGC
HFLSFYGVDHTIDVLVQKGYERSMDSIAAAGLNPIPVQWSEMDKLGISMRAAVLPLKFFK
;
_entity_poly.pdbx_strand_id   A,D
#
# COMPACT_ATOMS: atom_id res chain seq x y z
N HIS A 20 3.88 -0.03 -6.89
CA HIS A 20 2.85 1.00 -6.93
C HIS A 20 1.47 0.37 -6.97
N MET A 21 0.62 0.75 -6.02
CA MET A 21 -0.74 0.23 -5.95
C MET A 21 -1.74 1.35 -5.72
N ASN A 22 -2.96 1.14 -6.22
CA ASN A 22 -4.01 2.16 -6.19
C ASN A 22 -4.61 2.25 -4.79
N ASN A 23 -4.59 3.46 -4.21
CA ASN A 23 -4.99 3.66 -2.83
C ASN A 23 -6.51 3.80 -2.63
N ALA A 24 -7.30 3.69 -3.71
CA ALA A 24 -8.76 3.86 -3.75
C ALA A 24 -9.21 5.25 -3.29
N LEU A 25 -8.30 6.21 -3.17
CA LEU A 25 -8.66 7.56 -2.72
C LEU A 25 -9.11 8.42 -3.89
N HIS A 26 -10.28 9.03 -3.75
CA HIS A 26 -10.86 9.90 -4.76
C HIS A 26 -10.75 11.35 -4.30
N ALA A 27 -10.40 12.24 -5.22
CA ALA A 27 -10.21 13.65 -4.93
C ALA A 27 -11.18 14.47 -5.78
N PHE A 28 -12.03 15.27 -5.12
CA PHE A 28 -12.96 16.16 -5.78
C PHE A 28 -12.46 17.59 -5.68
N VAL A 29 -12.50 18.32 -6.79
CA VAL A 29 -12.09 19.72 -6.86
C VAL A 29 -13.06 20.47 -7.75
N ARG A 30 -13.12 21.77 -7.57
CA ARG A 30 -14.01 22.65 -8.33
C ARG A 30 -13.16 23.67 -9.07
N SER A 31 -13.36 23.79 -10.37
CA SER A 31 -12.54 24.75 -11.11
C SER A 31 -13.01 26.17 -10.81
N PRO A 32 -12.09 27.13 -10.84
CA PRO A 32 -12.47 28.52 -10.60
C PRO A 32 -13.42 29.05 -11.68
N HIS A 33 -14.31 29.93 -11.24
CA HIS A 33 -15.19 30.67 -12.15
C HIS A 33 -14.49 31.95 -12.54
N TYR A 34 -13.98 31.99 -13.78
CA TYR A 34 -13.13 33.08 -14.24
C TYR A 34 -13.75 34.45 -14.01
N ARG A 35 -15.05 34.58 -14.27
CA ARG A 35 -15.70 35.89 -14.21
C ARG A 35 -15.73 36.47 -12.80
N THR A 36 -15.76 35.62 -11.77
CA THR A 36 -15.92 36.10 -10.40
C THR A 36 -14.67 35.96 -9.54
N ILE A 37 -13.51 35.73 -10.13
CA ILE A 37 -12.26 35.67 -9.37
C ILE A 37 -11.93 37.07 -8.86
N PRO A 38 -11.76 37.26 -7.55
CA PRO A 38 -11.45 38.60 -7.04
C PRO A 38 -10.10 39.10 -7.55
N SER A 39 -10.03 40.42 -7.78
CA SER A 39 -8.79 41.02 -8.25
C SER A 39 -7.71 41.04 -7.18
N ALA A 40 -8.06 40.92 -5.92
CA ALA A 40 -7.09 40.93 -4.84
C ALA A 40 -7.51 39.97 -3.74
N GLY A 41 -6.52 39.48 -3.00
CA GLY A 41 -6.79 38.56 -1.90
C GLY A 41 -7.20 39.28 -0.64
N PRO A 42 -7.45 38.49 0.41
CA PRO A 42 -7.96 39.07 1.66
C PRO A 42 -7.03 40.10 2.28
N ASN A 43 -5.72 39.99 2.07
CA ASN A 43 -4.78 40.97 2.59
C ASN A 43 -4.56 42.14 1.65
N GLY A 44 -5.06 42.08 0.41
CA GLY A 44 -4.90 43.15 -0.53
C GLY A 44 -3.89 42.90 -1.64
N ILE A 45 -3.18 41.77 -1.60
CA ILE A 45 -2.19 41.48 -2.62
C ILE A 45 -2.88 41.17 -3.95
N VAL A 46 -2.23 41.51 -5.06
CA VAL A 46 -2.81 41.34 -6.38
C VAL A 46 -2.99 39.86 -6.69
N VAL A 47 -4.12 39.52 -7.30
CA VAL A 47 -4.41 38.17 -7.78
C VAL A 47 -4.56 38.24 -9.30
N ASN A 48 -3.91 37.31 -9.99
CA ASN A 48 -3.93 37.24 -11.45
C ASN A 48 -4.86 36.10 -11.86
N ARG A 49 -6.05 36.44 -12.36
CA ARG A 49 -7.02 35.40 -12.67
C ARG A 49 -6.56 34.52 -13.84
N ASP A 50 -5.84 35.10 -14.80
CA ASP A 50 -5.26 34.29 -15.88
C ASP A 50 -4.26 33.27 -15.31
N MET A 51 -3.36 33.73 -14.43
CA MET A 51 -2.45 32.80 -13.77
C MET A 51 -3.21 31.78 -12.93
N LEU A 52 -4.27 32.22 -12.25
CA LEU A 52 -4.98 31.35 -11.32
C LEU A 52 -5.58 30.15 -12.04
N VAL A 53 -6.36 30.39 -13.10
CA VAL A 53 -6.95 29.27 -13.83
C VAL A 53 -5.86 28.40 -14.45
N HIS A 54 -4.74 29.01 -14.84
CA HIS A 54 -3.59 28.24 -15.32
C HIS A 54 -3.10 27.29 -14.23
N GLN A 55 -2.91 27.81 -13.01
CA GLN A 55 -2.34 27.00 -11.94
C GLN A 55 -3.29 25.89 -11.51
N PHE A 56 -4.60 26.15 -11.52
CA PHE A 56 -5.54 25.12 -11.10
C PHE A 56 -5.60 23.98 -12.10
N ARG A 57 -5.61 24.29 -13.39
CA ARG A 57 -5.56 23.22 -14.40
C ARG A 57 -4.30 22.39 -14.24
N ASP A 58 -3.16 23.04 -14.02
CA ASP A 58 -1.92 22.31 -13.78
C ASP A 58 -1.99 21.52 -12.47
N PHE A 59 -2.66 22.09 -11.46
CA PHE A 59 -2.82 21.39 -10.18
C PHE A 59 -3.65 20.14 -10.33
N TYR A 60 -4.80 20.26 -11.02
CA TYR A 60 -5.64 19.11 -11.30
C TYR A 60 -4.85 18.01 -12.02
N LYS A 61 -4.04 18.41 -13.01
CA LYS A 61 -3.25 17.41 -13.74
C LYS A 61 -2.15 16.82 -12.87
N THR A 62 -1.63 17.59 -11.92
CA THR A 62 -0.63 17.05 -10.99
C THR A 62 -1.25 16.00 -10.09
N LEU A 63 -2.44 16.28 -9.54
CA LEU A 63 -3.14 15.29 -8.72
C LEU A 63 -3.37 14.00 -9.48
N GLN A 64 -3.46 14.09 -10.81
CA GLN A 64 -3.83 12.94 -11.64
C GLN A 64 -2.72 11.89 -11.71
N HIS A 65 -1.46 12.31 -11.73
CA HIS A 65 -0.35 11.42 -12.10
C HIS A 65 0.55 11.01 -10.94
N CYS A 66 0.11 11.21 -9.71
CA CYS A 66 0.95 11.06 -8.53
C CYS A 66 0.44 9.94 -7.64
N SER A 67 1.15 9.71 -6.52
CA SER A 67 0.82 8.58 -5.67
C SER A 67 -0.25 8.89 -4.65
N LEU A 68 -0.61 10.15 -4.48
CA LEU A 68 -1.52 10.55 -3.40
C LEU A 68 -2.92 10.02 -3.65
N VAL A 69 -3.52 10.35 -4.80
CA VAL A 69 -4.91 9.99 -5.10
C VAL A 69 -4.95 9.06 -6.31
N ASP A 70 -6.11 8.42 -6.47
CA ASP A 70 -6.36 7.46 -7.55
C ASP A 70 -7.10 8.10 -8.72
N LYS A 71 -8.17 8.82 -8.41
CA LYS A 71 -9.06 9.38 -9.40
C LYS A 71 -9.42 10.79 -8.98
N VAL A 72 -9.36 11.71 -9.93
CA VAL A 72 -9.66 13.11 -9.70
C VAL A 72 -11.01 13.40 -10.35
N HIS A 73 -11.89 14.07 -9.60
CA HIS A 73 -13.22 14.40 -10.07
C HIS A 73 -13.36 15.91 -10.07
N LEU A 74 -13.64 16.48 -11.24
CA LEU A 74 -13.83 17.91 -11.40
C LEU A 74 -15.31 18.25 -11.28
N MET A 75 -15.62 19.25 -10.46
CA MET A 75 -16.99 19.66 -10.20
C MET A 75 -17.27 21.01 -10.84
N SER A 76 -18.54 21.26 -11.16
CA SER A 76 -18.90 22.42 -11.97
C SER A 76 -18.69 23.72 -11.22
N GLU A 77 -18.42 24.78 -11.98
CA GLU A 77 -18.10 26.08 -11.42
C GLU A 77 -19.29 26.67 -10.65
N ARG A 78 -18.97 27.40 -9.60
CA ARG A 78 -19.94 28.20 -8.86
C ARG A 78 -19.40 29.61 -8.72
N PRO A 79 -20.27 30.62 -8.65
CA PRO A 79 -19.80 32.01 -8.76
C PRO A 79 -19.31 32.59 -7.45
N SER A 80 -18.52 31.83 -6.70
CA SER A 80 -17.96 32.30 -5.45
C SER A 80 -16.65 31.58 -5.20
N VAL A 81 -15.59 32.34 -4.92
CA VAL A 81 -14.29 31.73 -4.70
C VAL A 81 -14.28 30.84 -3.47
N GLU A 82 -15.24 31.03 -2.55
CA GLU A 82 -15.34 30.17 -1.38
C GLU A 82 -15.67 28.72 -1.77
N ALA A 83 -16.37 28.53 -2.88
CA ALA A 83 -16.71 27.18 -3.34
C ALA A 83 -15.51 26.37 -3.80
N LEU A 84 -14.33 26.99 -3.94
CA LEU A 84 -13.13 26.22 -4.21
C LEU A 84 -12.63 25.47 -2.98
N ARG A 85 -13.09 25.88 -1.78
CA ARG A 85 -12.64 25.29 -0.53
C ARG A 85 -13.41 24.00 -0.23
N VAL A 86 -13.32 23.06 -1.17
CA VAL A 86 -14.15 21.86 -1.10
C VAL A 86 -13.82 20.99 0.10
N ALA A 87 -12.65 21.16 0.72
CA ALA A 87 -12.31 20.38 1.90
C ALA A 87 -13.18 20.73 3.10
N ASP A 88 -13.69 21.96 3.16
CA ASP A 88 -14.45 22.43 4.31
C ASP A 88 -15.72 21.60 4.57
N GLN A 89 -16.22 20.87 3.58
CA GLN A 89 -17.51 20.19 3.72
C GLN A 89 -17.43 19.05 4.73
N MET A 90 -16.36 18.26 4.69
CA MET A 90 -16.28 17.05 5.50
C MET A 90 -14.83 16.68 5.70
N VAL A 91 -14.62 15.71 6.59
CA VAL A 91 -13.33 15.05 6.77
C VAL A 91 -13.59 13.56 6.84
N SER A 92 -12.65 12.77 6.32
CA SER A 92 -12.77 11.33 6.29
C SER A 92 -11.84 10.74 7.36
N ILE A 93 -12.43 10.09 8.35
CA ILE A 93 -11.68 9.41 9.42
C ILE A 93 -11.95 7.92 9.27
N GLY A 94 -10.93 7.16 8.91
CA GLY A 94 -11.14 5.75 8.61
C GLY A 94 -12.08 5.62 7.43
N ALA A 95 -13.11 4.79 7.58
CA ALA A 95 -14.13 4.62 6.57
C ALA A 95 -15.35 5.50 6.81
N THR A 96 -15.25 6.47 7.73
CA THR A 96 -16.35 7.37 8.06
C THR A 96 -16.17 8.69 7.32
N PHE A 97 -17.23 9.15 6.65
CA PHE A 97 -17.23 10.45 5.96
C PHE A 97 -18.01 11.42 6.84
N LEU A 98 -17.28 12.18 7.66
CA LEU A 98 -17.86 12.96 8.74
C LEU A 98 -18.22 14.37 8.27
N GLU A 99 -19.51 14.68 8.27
CA GLU A 99 -19.97 16.00 7.87
C GLU A 99 -19.61 17.02 8.93
N MET A 100 -19.27 18.24 8.49
CA MET A 100 -18.95 19.32 9.39
C MET A 100 -20.23 20.04 9.81
N PRO A 101 -20.22 20.68 10.98
CA PRO A 101 -21.34 21.55 11.35
C PRO A 101 -21.37 22.78 10.47
N LEU A 102 -22.58 23.27 10.22
CA LEU A 102 -22.79 24.40 9.32
C LEU A 102 -22.92 25.73 10.06
N THR A 103 -22.49 25.76 11.34
CA THR A 103 -22.73 26.95 12.16
C THR A 103 -22.06 28.20 11.59
N GLY A 104 -20.95 28.03 10.87
CA GLY A 104 -20.26 29.16 10.31
C GLY A 104 -20.50 29.35 8.82
N MET A 105 -21.04 28.33 8.17
CA MET A 105 -21.18 28.31 6.73
C MET A 105 -22.56 27.84 6.31
N GLU A 106 -23.61 28.44 6.89
CA GLU A 106 -24.96 28.15 6.44
C GLU A 106 -25.14 28.48 4.97
N HIS A 107 -24.56 29.59 4.52
CA HIS A 107 -24.69 30.05 3.14
C HIS A 107 -24.05 29.11 2.13
N ARG A 108 -23.37 28.06 2.58
CA ARG A 108 -22.73 27.11 1.67
C ARG A 108 -23.47 25.78 1.59
N ALA A 109 -24.68 25.72 2.15
CA ALA A 109 -25.43 24.46 2.14
C ALA A 109 -25.69 23.99 0.71
N THR A 110 -26.13 24.89 -0.16
CA THR A 110 -26.48 24.46 -1.51
C THR A 110 -25.25 24.05 -2.31
N GLU A 111 -24.09 24.63 -1.98
CA GLU A 111 -22.84 24.17 -2.57
C GLU A 111 -22.52 22.75 -2.14
N PHE A 112 -22.47 22.50 -0.83
CA PHE A 112 -22.17 21.18 -0.30
C PHE A 112 -23.11 20.13 -0.89
N MET A 113 -24.36 20.52 -1.09
CA MET A 113 -25.36 19.69 -1.75
C MET A 113 -24.89 19.24 -3.12
N GLU A 114 -24.59 20.20 -3.98
CA GLU A 114 -24.16 19.92 -5.34
C GLU A 114 -22.91 19.06 -5.35
N SER A 115 -21.97 19.35 -4.44
CA SER A 115 -20.79 18.51 -4.27
C SER A 115 -21.17 17.08 -3.94
N MET A 116 -22.27 16.88 -3.20
CA MET A 116 -22.66 15.53 -2.83
C MET A 116 -23.22 14.75 -4.02
N ARG A 117 -23.77 15.44 -5.01
CA ARG A 117 -24.21 14.75 -6.21
C ARG A 117 -23.01 14.20 -6.98
N TYR A 118 -21.92 14.96 -7.04
CA TYR A 118 -20.70 14.47 -7.67
C TYR A 118 -20.15 13.27 -6.91
N VAL A 119 -20.22 13.28 -5.58
CA VAL A 119 -19.74 12.17 -4.79
C VAL A 119 -20.56 10.91 -5.06
N ARG A 120 -21.89 11.05 -5.02
CA ARG A 120 -22.76 9.91 -5.30
C ARG A 120 -22.57 9.41 -6.73
N GLY A 121 -22.46 10.34 -7.68
CA GLY A 121 -22.34 9.95 -9.08
C GLY A 121 -21.08 9.15 -9.36
N ALA A 122 -20.03 9.37 -8.58
CA ALA A 122 -18.78 8.65 -8.75
C ALA A 122 -18.76 7.31 -8.05
N GLY A 123 -19.91 6.84 -7.54
CA GLY A 123 -19.96 5.62 -6.77
C GLY A 123 -19.64 5.79 -5.31
N GLY A 124 -19.70 7.02 -4.78
CA GLY A 124 -19.37 7.27 -3.41
C GLY A 124 -20.52 7.02 -2.45
N PRO A 125 -20.38 7.50 -1.22
CA PRO A 125 -21.44 7.29 -0.23
C PRO A 125 -22.73 7.96 -0.66
N SER A 126 -23.85 7.36 -0.25
CA SER A 126 -25.15 7.97 -0.53
C SER A 126 -25.40 9.16 0.38
N THR A 127 -24.99 9.05 1.65
CA THR A 127 -25.11 10.11 2.62
C THR A 127 -23.78 10.27 3.35
N LEU A 128 -23.69 11.29 4.19
CA LEU A 128 -22.55 11.48 5.08
C LEU A 128 -22.99 11.28 6.52
N ALA A 129 -22.05 10.85 7.36
CA ALA A 129 -22.31 10.74 8.79
C ALA A 129 -22.64 12.11 9.36
N SER A 130 -23.73 12.18 10.13
CA SER A 130 -24.24 13.45 10.63
C SER A 130 -24.00 13.63 12.13
N TYR A 131 -23.04 12.89 12.70
CA TYR A 131 -22.78 12.98 14.14
C TYR A 131 -22.51 14.42 14.57
N LEU A 132 -21.57 15.08 13.91
CA LEU A 132 -21.19 16.44 14.30
C LEU A 132 -22.34 17.42 14.09
N GLN A 133 -23.15 17.20 13.05
CA GLN A 133 -24.30 18.05 12.80
C GLN A 133 -25.41 17.82 13.81
N ASP A 134 -25.46 16.62 14.41
CA ASP A 134 -26.49 16.29 15.39
C ASP A 134 -26.06 16.58 16.82
N THR A 135 -24.86 17.12 17.02
CA THR A 135 -24.32 17.39 18.37
C THR A 135 -24.46 18.87 18.68
N GLU A 136 -25.13 19.19 19.78
CA GLU A 136 -25.39 20.60 20.10
C GLU A 136 -24.09 21.32 20.44
N ASN A 137 -23.97 22.55 19.94
CA ASN A 137 -22.85 23.46 20.20
C ASN A 137 -21.51 22.94 19.69
N CYS A 138 -21.54 21.95 18.80
CA CYS A 138 -20.34 21.38 18.24
C CYS A 138 -19.85 22.26 17.09
N ARG A 139 -18.67 22.85 17.24
CA ARG A 139 -18.02 23.61 16.18
C ARG A 139 -16.78 22.85 15.75
N CYS A 140 -16.64 22.61 14.45
CA CYS A 140 -15.47 21.87 13.98
C CYS A 140 -15.16 22.30 12.55
N ASN A 141 -13.86 22.35 12.24
CA ASN A 141 -13.39 22.68 10.90
C ASN A 141 -12.58 21.50 10.39
N SER A 142 -12.87 21.07 9.15
CA SER A 142 -12.25 19.86 8.63
C SER A 142 -10.73 19.96 8.61
N GLY A 143 -10.20 21.16 8.38
CA GLY A 143 -8.77 21.36 8.36
C GLY A 143 -8.11 21.23 9.71
N ASP A 144 -8.88 21.26 10.80
CA ASP A 144 -8.35 21.07 12.13
C ASP A 144 -8.24 19.61 12.51
N VAL A 145 -8.63 18.70 11.62
CA VAL A 145 -8.50 17.26 11.84
C VAL A 145 -7.39 16.76 10.92
N VAL A 146 -6.35 16.16 11.51
CA VAL A 146 -5.20 15.68 10.75
C VAL A 146 -5.03 14.19 11.04
N CYS A 147 -5.05 13.38 9.98
CA CYS A 147 -4.90 11.94 10.11
C CYS A 147 -3.45 11.56 10.37
N LEU A 148 -3.26 10.60 11.28
CA LEU A 148 -1.95 10.17 11.79
C LEU A 148 -1.83 8.66 11.61
N PRO A 149 -0.66 8.04 11.94
CA PRO A 149 -0.53 6.58 11.78
C PRO A 149 -1.71 5.78 12.35
N ASN A 150 -1.98 5.94 13.65
CA ASN A 150 -3.04 5.21 14.32
C ASN A 150 -3.89 6.17 15.14
N GLY A 151 -4.30 7.27 14.53
CA GLY A 151 -5.14 8.22 15.21
C GLY A 151 -5.25 9.52 14.44
N ILE A 152 -5.73 10.55 15.12
CA ILE A 152 -5.87 11.88 14.54
C ILE A 152 -5.38 12.91 15.55
N ALA A 153 -4.87 14.02 15.03
CA ALA A 153 -4.57 15.19 15.84
C ALA A 153 -5.59 16.25 15.49
N VAL A 154 -6.29 16.76 16.50
CA VAL A 154 -7.34 17.76 16.32
C VAL A 154 -6.89 19.05 16.99
N GLY A 155 -6.88 20.14 16.23
CA GLY A 155 -6.62 21.43 16.82
C GLY A 155 -7.82 21.93 17.61
N HIS A 156 -7.54 22.49 18.78
CA HIS A 156 -8.55 23.16 19.60
C HIS A 156 -8.26 24.65 19.60
N GLY A 157 -9.19 25.43 19.07
CA GLY A 157 -8.99 26.85 19.00
C GLY A 157 -10.15 27.62 18.40
N PRO A 158 -9.83 28.55 17.49
CA PRO A 158 -10.84 29.51 17.03
C PRO A 158 -11.88 28.93 16.10
N ARG A 159 -11.69 27.73 15.56
CA ARG A 159 -12.66 27.11 14.68
C ARG A 159 -13.28 25.85 15.25
N THR A 160 -12.54 25.08 16.04
CA THR A 160 -12.93 23.75 16.48
C THR A 160 -12.96 23.73 18.00
N ASN A 161 -14.16 23.70 18.57
CA ASN A 161 -14.33 23.89 20.00
C ASN A 161 -14.23 22.54 20.72
N ALA A 162 -14.42 22.60 22.04
CA ALA A 162 -14.16 21.44 22.88
C ALA A 162 -15.24 20.38 22.78
N VAL A 163 -16.49 20.76 22.50
CA VAL A 163 -17.53 19.77 22.23
C VAL A 163 -17.11 18.88 21.07
N ALA A 164 -16.60 19.49 20.00
CA ALA A 164 -16.13 18.71 18.86
C ALA A 164 -15.03 17.72 19.28
N HIS A 165 -14.11 18.16 20.14
CA HIS A 165 -13.07 17.24 20.60
C HIS A 165 -13.68 16.12 21.44
N THR A 166 -14.59 16.47 22.35
CA THR A 166 -15.28 15.46 23.14
C THR A 166 -16.03 14.47 22.24
N THR A 167 -16.72 14.99 21.23
CA THR A 167 -17.51 14.13 20.35
C THR A 167 -16.63 13.26 19.48
N LEU A 168 -15.55 13.81 18.93
CA LEU A 168 -14.65 13.01 18.09
C LEU A 168 -14.01 11.89 18.90
N LYS A 169 -13.71 12.16 20.17
CA LYS A 169 -13.09 11.14 21.02
C LYS A 169 -14.04 9.98 21.26
N GLN A 170 -15.29 10.27 21.65
CA GLN A 170 -16.23 9.17 21.84
C GLN A 170 -16.55 8.47 20.53
N LEU A 171 -16.45 9.18 19.40
CA LEU A 171 -16.69 8.56 18.10
C LEU A 171 -15.58 7.61 17.70
N PHE A 172 -14.32 7.98 17.97
CA PHE A 172 -13.19 7.27 17.37
C PHE A 172 -12.11 6.80 18.35
N GLU A 173 -11.99 7.39 19.53
CA GLU A 173 -10.88 7.03 20.42
C GLU A 173 -11.05 5.61 20.95
N VAL A 174 -9.96 4.84 20.88
CA VAL A 174 -9.91 3.48 21.42
C VAL A 174 -8.66 3.39 22.28
N LYS A 175 -8.85 3.13 23.58
CA LYS A 175 -7.73 3.09 24.52
C LYS A 175 -7.02 1.74 24.56
N ASP A 176 -7.61 0.70 24.00
CA ASP A 176 -7.02 -0.64 24.03
C ASP A 176 -5.67 -0.68 23.33
N SER A 180 -5.50 0.39 18.78
CA SER A 180 -5.57 1.72 19.40
C SER A 180 -5.83 2.78 18.34
N PHE A 181 -6.62 3.80 18.72
CA PHE A 181 -6.84 4.96 17.87
C PHE A 181 -6.87 6.18 18.77
N ASP A 182 -5.82 6.99 18.71
CA ASP A 182 -5.70 8.16 19.57
C ASP A 182 -6.37 9.37 18.93
N VAL A 183 -6.86 10.27 19.77
CA VAL A 183 -7.39 11.55 19.35
C VAL A 183 -6.63 12.59 20.16
N PHE A 184 -5.57 13.14 19.58
CA PHE A 184 -4.73 14.12 20.27
C PHE A 184 -5.33 15.51 20.13
N THR A 185 -5.58 16.17 21.25
CA THR A 185 -6.02 17.57 21.24
C THR A 185 -4.79 18.47 21.28
N LEU A 186 -4.66 19.33 20.27
CA LEU A 186 -3.54 20.29 20.20
C LEU A 186 -4.14 21.69 20.36
N GLU A 187 -3.86 22.32 21.50
CA GLU A 187 -4.36 23.65 21.79
C GLU A 187 -3.69 24.69 20.89
N GLN A 188 -4.49 25.51 20.23
CA GLN A 188 -4.00 26.49 19.27
C GLN A 188 -4.16 27.90 19.83
N GLU A 189 -3.30 28.79 19.34
CA GLU A 189 -3.44 30.21 19.61
C GLU A 189 -4.55 30.80 18.74
N GLY A 190 -4.98 32.01 19.09
CA GLY A 190 -6.16 32.60 18.48
C GLY A 190 -6.02 32.84 16.98
N ASP A 191 -4.81 33.08 16.50
CA ASP A 191 -4.60 33.37 15.09
C ASP A 191 -4.08 32.17 14.31
N ALA A 192 -4.23 30.97 14.86
CA ALA A 192 -3.75 29.78 14.16
C ALA A 192 -4.62 29.48 12.95
N PRO A 193 -4.04 29.23 11.79
CA PRO A 193 -4.80 28.69 10.66
C PRO A 193 -5.29 27.29 11.00
N PRO A 194 -6.16 26.69 10.19
CA PRO A 194 -6.53 25.29 10.41
C PRO A 194 -5.28 24.42 10.56
N LEU A 195 -5.34 23.46 11.50
CA LEU A 195 -4.17 22.69 11.88
C LEU A 195 -3.47 22.07 10.68
N GLY A 196 -4.25 21.53 9.74
CA GLY A 196 -3.69 20.79 8.61
C GLY A 196 -2.96 21.64 7.59
N ASP A 197 -3.11 22.96 7.64
CA ASP A 197 -2.38 23.82 6.71
C ASP A 197 -0.89 23.89 7.05
N TYR A 198 -0.54 23.69 8.32
CA TYR A 198 0.84 23.86 8.77
C TYR A 198 1.35 22.65 9.54
N PHE A 199 0.60 21.57 9.57
CA PHE A 199 0.92 20.41 10.40
C PHE A 199 0.39 19.18 9.70
N GLY A 200 1.28 18.26 9.33
CA GLY A 200 0.85 17.12 8.56
C GLY A 200 1.69 15.89 8.73
N PHE A 201 1.37 14.85 7.96
CA PHE A 201 2.07 13.57 8.01
C PHE A 201 2.41 13.12 6.59
N ALA A 202 3.53 12.42 6.48
CA ALA A 202 3.95 11.84 5.21
C ALA A 202 4.75 10.57 5.45
N GLY A 203 4.68 9.66 4.50
CA GLY A 203 5.46 8.43 4.59
C GLY A 203 5.04 7.57 5.76
N SER A 204 6.02 6.93 6.38
CA SER A 204 5.74 6.04 7.51
C SER A 204 5.75 6.77 8.84
N ASN A 205 6.75 7.63 9.08
CA ASN A 205 6.85 8.31 10.37
C ASN A 205 7.36 9.74 10.26
N VAL A 206 7.06 10.43 9.16
CA VAL A 206 7.55 11.80 8.96
C VAL A 206 6.47 12.80 9.36
N LEU A 207 6.84 13.73 10.25
CA LEU A 207 5.99 14.83 10.67
C LEU A 207 6.39 16.09 9.93
N LEU A 208 5.43 16.71 9.25
CA LEU A 208 5.65 17.95 8.51
C LEU A 208 5.05 19.10 9.29
N THR A 209 5.85 20.14 9.55
CA THR A 209 5.35 21.25 10.33
C THR A 209 6.02 22.54 9.86
N TRP A 210 5.26 23.64 9.92
CA TRP A 210 5.80 24.96 9.65
C TRP A 210 6.67 25.43 10.82
N LYS A 211 7.65 26.27 10.50
CA LYS A 211 8.60 26.76 11.48
C LYS A 211 8.11 28.00 12.24
N ASP A 212 6.79 28.20 12.32
CA ASP A 212 6.26 29.35 13.03
C ASP A 212 5.78 28.95 14.42
N GLU A 213 5.19 29.92 15.13
CA GLU A 213 4.72 29.65 16.49
C GLU A 213 3.70 28.53 16.52
N HIS A 214 2.87 28.41 15.47
CA HIS A 214 1.78 27.43 15.47
C HIS A 214 2.28 26.02 15.26
N GLY A 215 3.12 25.80 14.24
CA GLY A 215 3.67 24.48 14.02
C GLY A 215 4.57 24.03 15.14
N LEU A 216 5.39 24.94 15.67
CA LEU A 216 6.33 24.57 16.74
C LEU A 216 5.60 24.24 18.02
N LEU A 217 4.52 24.97 18.33
CA LEU A 217 3.70 24.63 19.49
C LEU A 217 3.02 23.27 19.32
N ALA A 218 2.44 23.03 18.13
CA ALA A 218 1.79 21.74 17.88
C ALA A 218 2.78 20.59 17.98
N VAL A 219 4.01 20.81 17.50
CA VAL A 219 5.04 19.77 17.56
C VAL A 219 5.46 19.52 19.01
N ASP A 220 5.65 20.58 19.79
CA ASP A 220 5.98 20.38 21.20
C ASP A 220 4.88 19.60 21.92
N GLN A 221 3.61 19.95 21.66
CA GLN A 221 2.51 19.25 22.33
C GLN A 221 2.42 17.80 21.88
N TYR A 222 2.53 17.54 20.58
CA TYR A 222 2.32 16.20 20.07
C TYR A 222 3.41 15.24 20.53
N GLN A 223 4.66 15.70 20.57
CA GLN A 223 5.74 14.83 20.99
C GLN A 223 5.65 14.44 22.47
N GLN A 224 5.01 15.27 23.30
CA GLN A 224 4.79 14.87 24.69
C GLN A 224 3.67 13.85 24.80
N LYS A 225 2.56 14.05 24.08
CA LYS A 225 1.43 13.13 24.14
C LYS A 225 1.77 11.78 23.52
N GLN A 226 2.73 11.75 22.60
CA GLN A 226 3.20 10.51 22.00
C GLN A 226 4.72 10.52 22.10
N PRO A 227 5.27 10.07 23.22
CA PRO A 227 6.74 10.02 23.37
C PRO A 227 7.37 8.66 23.08
N HIS A 228 6.59 7.67 22.64
CA HIS A 228 7.09 6.30 22.54
C HIS A 228 7.56 5.92 21.14
N THR A 229 6.88 6.36 20.08
CA THR A 229 7.38 6.16 18.72
C THR A 229 8.07 7.44 18.28
N GLU A 230 9.39 7.37 18.08
CA GLU A 230 10.13 8.56 17.67
C GLU A 230 9.70 9.00 16.27
N MET A 231 9.60 10.31 16.09
CA MET A 231 9.03 10.90 14.89
C MET A 231 10.08 11.75 14.20
N ASN A 232 10.16 11.62 12.87
CA ASN A 232 11.08 12.43 12.07
C ASN A 232 10.37 13.71 11.68
N VAL A 233 10.69 14.79 12.39
CA VAL A 233 10.04 16.08 12.18
C VAL A 233 10.80 16.84 11.10
N VAL A 234 10.09 17.25 10.05
CA VAL A 234 10.64 18.03 8.95
C VAL A 234 10.09 19.45 9.07
N TYR A 235 10.99 20.42 9.24
CA TYR A 235 10.59 21.80 9.46
C TYR A 235 10.52 22.53 8.13
N LEU A 236 9.30 22.82 7.68
CA LEU A 236 9.08 23.59 6.47
C LEU A 236 9.18 25.08 6.76
N GLU A 237 9.34 25.86 5.70
CA GLU A 237 9.34 27.30 5.89
C GLU A 237 7.90 27.80 6.05
N PRO A 238 7.66 28.71 7.00
CA PRO A 238 6.31 29.25 7.20
C PRO A 238 5.72 29.80 5.92
N GLY A 239 4.50 29.37 5.60
CA GLY A 239 3.85 29.71 4.36
C GLY A 239 3.97 28.67 3.27
N CYS A 240 4.76 27.62 3.49
CA CYS A 240 4.98 26.59 2.47
C CYS A 240 3.77 25.67 2.42
N HIS A 241 2.83 25.95 1.51
CA HIS A 241 1.68 25.08 1.35
C HIS A 241 2.14 23.72 0.85
N PHE A 242 1.59 22.67 1.46
CA PHE A 242 1.95 21.29 1.16
C PHE A 242 0.69 20.45 1.16
N LEU A 243 0.76 19.31 0.48
CA LEU A 243 -0.37 18.38 0.44
C LEU A 243 0.15 16.96 0.61
N SER A 244 -0.20 16.33 1.72
CA SER A 244 0.08 14.92 1.92
C SER A 244 -0.89 14.40 2.97
N PHE A 245 -1.58 13.31 2.66
CA PHE A 245 -2.48 12.67 3.61
C PHE A 245 -1.94 11.27 3.92
N TYR A 246 -1.67 11.02 5.20
CA TYR A 246 -1.32 9.67 5.61
C TYR A 246 -2.49 8.73 5.34
N GLY A 247 -2.17 7.46 5.19
CA GLY A 247 -3.22 6.47 5.10
C GLY A 247 -2.81 5.09 4.65
N ASP A 249 -1.08 3.52 2.53
CA ASP A 249 0.13 2.92 1.98
C ASP A 249 1.46 3.52 2.41
N HIS A 250 1.49 4.69 3.05
CA HIS A 250 2.74 5.40 3.34
C HIS A 250 3.51 5.71 2.06
N THR A 251 2.80 6.23 1.06
CA THR A 251 3.47 6.76 -0.11
C THR A 251 4.35 7.94 0.31
N ILE A 252 5.38 8.22 -0.50
CA ILE A 252 6.33 9.27 -0.15
C ILE A 252 6.10 10.54 -0.96
N ASP A 253 5.05 10.59 -1.78
CA ASP A 253 4.78 11.78 -2.57
C ASP A 253 4.18 12.87 -1.70
N VAL A 254 4.76 14.06 -1.79
CA VAL A 254 4.27 15.24 -1.08
C VAL A 254 4.25 16.40 -2.06
N LEU A 255 3.07 16.97 -2.29
CA LEU A 255 2.99 18.20 -3.07
C LEU A 255 3.55 19.36 -2.26
N VAL A 256 4.41 20.17 -2.87
CA VAL A 256 5.06 21.30 -2.22
C VAL A 256 4.92 22.53 -3.10
N GLN A 257 4.45 23.64 -2.52
CA GLN A 257 4.30 24.88 -3.27
C GLN A 257 5.62 25.28 -3.93
N LYS A 258 5.58 25.47 -5.24
CA LYS A 258 6.75 25.89 -5.99
C LYS A 258 7.26 27.23 -5.50
N GLY A 259 8.57 27.31 -5.26
CA GLY A 259 9.20 28.51 -4.75
C GLY A 259 9.81 28.34 -3.37
N TYR A 260 9.43 27.30 -2.64
CA TYR A 260 9.97 27.04 -1.30
C TYR A 260 11.10 26.03 -1.44
N GLU A 261 12.24 26.55 -1.89
CA GLU A 261 13.39 25.72 -2.22
C GLU A 261 13.87 24.92 -1.02
N ARG A 262 14.09 25.61 0.11
CA ARG A 262 14.66 24.94 1.28
C ARG A 262 13.69 23.92 1.85
N SER A 263 12.39 24.21 1.84
CA SER A 263 11.40 23.22 2.27
C SER A 263 11.47 21.97 1.42
N MET A 264 11.54 22.13 0.09
CA MET A 264 11.70 20.99 -0.79
C MET A 264 12.96 20.19 -0.45
N ASP A 265 14.04 20.89 -0.11
CA ASP A 265 15.24 20.20 0.36
C ASP A 265 14.99 19.43 1.64
N SER A 266 14.28 20.04 2.59
CA SER A 266 14.01 19.37 3.85
C SER A 266 13.21 18.11 3.65
N ILE A 267 12.23 18.14 2.74
CA ILE A 267 11.35 16.98 2.54
C ILE A 267 12.13 15.85 1.88
N ALA A 268 12.91 16.16 0.84
CA ALA A 268 13.72 15.12 0.20
C ALA A 268 14.87 14.64 1.09
N ALA A 269 15.28 15.44 2.07
CA ALA A 269 16.29 14.98 3.01
C ALA A 269 15.77 13.90 3.94
N ALA A 270 14.45 13.72 4.02
CA ALA A 270 13.84 12.73 4.89
C ALA A 270 13.33 11.52 4.12
N GLY A 271 13.81 11.31 2.89
CA GLY A 271 13.41 10.17 2.11
C GLY A 271 12.08 10.29 1.40
N LEU A 272 11.53 11.50 1.28
CA LEU A 272 10.25 11.70 0.61
C LEU A 272 10.47 12.28 -0.79
N ASN A 273 9.38 12.33 -1.56
CA ASN A 273 9.39 12.80 -2.94
C ASN A 273 8.66 14.13 -3.03
N PRO A 274 9.37 15.27 -2.94
CA PRO A 274 8.68 16.56 -3.07
C PRO A 274 8.31 16.85 -4.51
N ILE A 275 7.03 17.17 -4.72
CA ILE A 275 6.49 17.44 -6.06
C ILE A 275 6.09 18.91 -6.13
N PRO A 276 6.82 19.73 -6.89
CA PRO A 276 6.52 21.17 -6.92
C PRO A 276 5.19 21.46 -7.61
N VAL A 277 4.42 22.37 -7.01
CA VAL A 277 3.14 22.82 -7.54
C VAL A 277 3.14 24.35 -7.51
N GLN A 278 2.85 24.96 -8.66
CA GLN A 278 2.66 26.40 -8.71
C GLN A 278 1.35 26.75 -8.03
N TRP A 279 1.42 27.54 -6.95
CA TRP A 279 0.24 27.81 -6.13
C TRP A 279 0.14 29.27 -5.72
N SER A 280 0.90 30.16 -6.39
CA SER A 280 1.03 31.54 -5.93
C SER A 280 -0.32 32.23 -5.81
N GLU A 281 -1.21 32.02 -6.78
CA GLU A 281 -2.43 32.83 -6.83
C GLU A 281 -3.49 32.33 -5.85
N MET A 282 -3.63 31.00 -5.71
CA MET A 282 -4.51 30.47 -4.68
C MET A 282 -3.95 30.74 -3.28
N ASP A 283 -2.62 30.73 -3.15
CA ASP A 283 -1.99 31.18 -1.92
C ASP A 283 -2.43 32.59 -1.56
N LYS A 284 -2.38 33.51 -2.53
CA LYS A 284 -2.77 34.89 -2.27
C LYS A 284 -4.25 35.02 -1.96
N LEU A 285 -5.07 34.12 -2.49
CA LEU A 285 -6.49 34.11 -2.18
C LEU A 285 -6.78 33.59 -0.78
N GLY A 286 -5.80 33.00 -0.11
CA GLY A 286 -6.01 32.41 1.19
C GLY A 286 -6.49 30.98 1.16
N ILE A 287 -6.23 30.25 0.08
CA ILE A 287 -6.71 28.87 -0.07
C ILE A 287 -5.48 27.97 -0.16
N SER A 288 -5.28 27.14 0.85
CA SER A 288 -4.22 26.15 0.80
C SER A 288 -4.55 25.10 -0.27
N MET A 289 -3.54 24.31 -0.63
CA MET A 289 -3.80 23.14 -1.46
C MET A 289 -4.71 22.16 -0.74
N ARG A 290 -4.51 22.01 0.58
CA ARG A 290 -5.36 21.10 1.35
C ARG A 290 -6.81 21.53 1.26
N ALA A 291 -7.07 22.84 1.37
CA ALA A 291 -8.44 23.34 1.33
C ALA A 291 -9.09 23.11 -0.02
N ALA A 292 -8.31 22.98 -1.09
CA ALA A 292 -8.85 22.91 -2.45
C ALA A 292 -9.07 21.49 -2.94
N VAL A 293 -8.86 20.49 -2.10
CA VAL A 293 -9.02 19.09 -2.47
C VAL A 293 -9.86 18.38 -1.41
N LEU A 294 -10.94 17.71 -1.86
CA LEU A 294 -11.77 16.91 -0.97
C LEU A 294 -11.36 15.44 -1.12
N PRO A 295 -10.52 14.91 -0.23
CA PRO A 295 -10.08 13.52 -0.39
C PRO A 295 -11.02 12.54 0.28
N LEU A 296 -11.53 11.57 -0.47
CA LEU A 296 -12.51 10.62 0.05
C LEU A 296 -11.91 9.22 0.06
N LYS A 297 -11.68 8.70 1.27
CA LYS A 297 -11.09 7.38 1.46
C LYS A 297 -12.15 6.33 1.19
N PHE A 298 -12.23 5.89 -0.07
CA PHE A 298 -13.18 4.84 -0.45
C PHE A 298 -12.72 3.52 0.14
N ALA B 24 18.24 -6.37 -1.78
CA ALA B 24 17.26 -5.90 -0.80
C ALA B 24 16.10 -6.89 -0.67
N LEU B 25 16.33 -8.15 -1.02
CA LEU B 25 15.32 -9.19 -0.93
C LEU B 25 15.64 -10.10 0.26
N HIS B 26 14.76 -10.12 1.25
CA HIS B 26 14.95 -10.91 2.45
C HIS B 26 14.08 -12.16 2.39
N ALA B 27 14.68 -13.31 2.71
CA ALA B 27 13.99 -14.58 2.71
C ALA B 27 13.94 -15.12 4.12
N PHE B 28 12.76 -15.59 4.53
CA PHE B 28 12.54 -16.15 5.86
C PHE B 28 12.20 -17.63 5.71
N VAL B 29 12.83 -18.47 6.52
CA VAL B 29 12.63 -19.92 6.50
C VAL B 29 12.56 -20.40 7.94
N ARG B 30 11.99 -21.59 8.13
CA ARG B 30 11.91 -22.22 9.44
C ARG B 30 12.49 -23.62 9.37
N SER B 31 13.39 -23.92 10.28
CA SER B 31 13.99 -25.25 10.24
C SER B 31 13.01 -26.29 10.77
N PRO B 32 13.09 -27.52 10.27
CA PRO B 32 12.21 -28.59 10.75
C PRO B 32 12.42 -28.89 12.23
N HIS B 33 11.33 -29.30 12.88
CA HIS B 33 11.37 -29.75 14.27
C HIS B 33 11.63 -31.26 14.26
N TYR B 34 12.85 -31.64 14.64
CA TYR B 34 13.28 -33.03 14.51
C TYR B 34 12.32 -34.00 15.21
N ARG B 35 11.88 -33.65 16.42
CA ARG B 35 11.07 -34.58 17.20
C ARG B 35 9.73 -34.89 16.56
N THR B 36 9.20 -33.96 15.75
CA THR B 36 7.86 -34.12 15.18
C THR B 36 7.88 -34.34 13.66
N ILE B 37 9.03 -34.65 13.08
CA ILE B 37 9.05 -34.93 11.64
C ILE B 37 8.26 -36.20 11.37
N PRO B 38 7.31 -36.19 10.43
CA PRO B 38 6.50 -37.39 10.18
C PRO B 38 7.36 -38.56 9.74
N SER B 39 6.99 -39.75 10.22
CA SER B 39 7.70 -40.96 9.81
C SER B 39 7.40 -41.32 8.36
N ALA B 40 6.23 -40.93 7.87
CA ALA B 40 5.83 -41.24 6.51
C ALA B 40 5.18 -40.01 5.88
N GLY B 41 5.23 -39.97 4.55
CA GLY B 41 4.61 -38.90 3.81
C GLY B 41 3.14 -39.16 3.54
N PRO B 42 2.49 -38.27 2.80
CA PRO B 42 1.04 -38.41 2.58
C PRO B 42 0.62 -39.72 1.92
N ASN B 43 1.42 -40.24 1.00
CA ASN B 43 1.08 -41.50 0.33
C ASN B 43 1.63 -42.72 1.06
N GLY B 44 2.15 -42.54 2.27
CA GLY B 44 2.77 -43.62 3.00
C GLY B 44 4.24 -43.84 2.71
N ILE B 45 4.84 -43.01 1.85
CA ILE B 45 6.27 -43.14 1.59
C ILE B 45 7.05 -42.80 2.84
N VAL B 46 8.10 -43.56 3.12
CA VAL B 46 8.90 -43.35 4.32
C VAL B 46 9.76 -42.11 4.14
N VAL B 47 9.83 -41.28 5.18
CA VAL B 47 10.61 -40.04 5.18
C VAL B 47 11.72 -40.17 6.20
N ASN B 48 12.95 -39.88 5.77
CA ASN B 48 14.15 -39.97 6.59
C ASN B 48 14.36 -38.61 7.27
N ARG B 49 14.08 -38.52 8.57
CA ARG B 49 14.18 -37.22 9.23
C ARG B 49 15.62 -36.74 9.32
N ASP B 50 16.58 -37.64 9.42
CA ASP B 50 17.99 -37.23 9.41
C ASP B 50 18.35 -36.58 8.08
N MET B 51 17.92 -37.19 6.97
CA MET B 51 18.16 -36.60 5.65
C MET B 51 17.41 -35.28 5.50
N LEU B 52 16.22 -35.19 6.11
CA LEU B 52 15.42 -33.98 5.98
C LEU B 52 16.15 -32.77 6.56
N VAL B 53 16.55 -32.85 7.83
CA VAL B 53 17.21 -31.71 8.47
C VAL B 53 18.52 -31.39 7.77
N HIS B 54 19.22 -32.42 7.30
CA HIS B 54 20.41 -32.23 6.49
C HIS B 54 20.09 -31.40 5.25
N GLN B 55 19.00 -31.76 4.55
CA GLN B 55 18.69 -31.09 3.29
C GLN B 55 18.29 -29.64 3.53
N PHE B 56 17.55 -29.35 4.61
CA PHE B 56 17.17 -27.97 4.87
C PHE B 56 18.39 -27.11 5.20
N ARG B 57 19.29 -27.61 6.04
CA ARG B 57 20.50 -26.86 6.36
C ARG B 57 21.28 -26.54 5.09
N ASP B 58 21.44 -27.52 4.21
CA ASP B 58 22.06 -27.26 2.92
C ASP B 58 21.24 -26.27 2.10
N PHE B 59 19.92 -26.34 2.21
CA PHE B 59 19.06 -25.40 1.47
C PHE B 59 19.23 -23.98 1.98
N TYR B 60 19.25 -23.81 3.31
CA TYR B 60 19.50 -22.49 3.89
C TYR B 60 20.84 -21.93 3.42
N LYS B 61 21.87 -22.77 3.38
CA LYS B 61 23.18 -22.31 2.91
C LYS B 61 23.16 -21.99 1.43
N THR B 62 22.41 -22.77 0.64
CA THR B 62 22.28 -22.48 -0.79
C THR B 62 21.68 -21.10 -1.01
N LEU B 63 20.60 -20.78 -0.28
CA LEU B 63 19.96 -19.47 -0.43
C LEU B 63 20.93 -18.34 -0.10
N GLN B 64 21.81 -18.56 0.88
CA GLN B 64 22.74 -17.52 1.31
C GLN B 64 23.71 -17.14 0.20
N HIS B 65 24.28 -18.12 -0.48
CA HIS B 65 25.39 -17.89 -1.39
C HIS B 65 24.94 -17.64 -2.83
N CYS B 66 23.64 -17.44 -3.07
CA CYS B 66 23.13 -17.22 -4.40
C CYS B 66 22.60 -15.80 -4.52
N SER B 67 22.44 -15.35 -5.77
CA SER B 67 21.97 -13.99 -6.04
C SER B 67 20.45 -13.87 -6.01
N LEU B 68 19.73 -14.97 -5.78
CA LEU B 68 18.28 -14.91 -5.72
C LEU B 68 17.81 -14.10 -4.51
N VAL B 69 18.46 -14.28 -3.36
CA VAL B 69 18.12 -13.54 -2.15
C VAL B 69 19.37 -12.85 -1.62
N ASP B 70 19.15 -11.73 -0.93
CA ASP B 70 20.24 -10.94 -0.38
C ASP B 70 20.52 -11.24 1.08
N LYS B 71 19.51 -11.65 1.85
CA LYS B 71 19.69 -11.99 3.25
C LYS B 71 18.68 -13.06 3.64
N VAL B 72 19.12 -14.04 4.40
CA VAL B 72 18.29 -15.16 4.84
C VAL B 72 18.07 -15.04 6.34
N HIS B 73 16.83 -15.22 6.77
CA HIS B 73 16.46 -15.15 8.18
C HIS B 73 15.86 -16.48 8.59
N LEU B 74 16.42 -17.07 9.64
CA LEU B 74 15.98 -18.35 10.17
C LEU B 74 15.02 -18.11 11.34
N MET B 75 13.91 -18.84 11.37
CA MET B 75 12.88 -18.67 12.37
C MET B 75 12.78 -19.93 13.23
N SER B 76 12.37 -19.74 14.48
CA SER B 76 12.46 -20.81 15.47
C SER B 76 11.47 -21.94 15.18
N GLU B 77 11.85 -23.14 15.59
CA GLU B 77 11.10 -24.35 15.27
C GLU B 77 9.70 -24.33 15.88
N ARG B 78 8.78 -25.05 15.24
CA ARG B 78 7.44 -25.26 15.74
C ARG B 78 7.06 -26.72 15.55
N PRO B 79 6.23 -27.27 16.44
CA PRO B 79 5.99 -28.73 16.44
C PRO B 79 5.13 -29.25 15.30
N SER B 80 4.82 -28.42 14.31
CA SER B 80 4.00 -28.85 13.18
C SER B 80 4.79 -28.75 11.89
N VAL B 81 4.68 -29.77 11.03
CA VAL B 81 5.36 -29.74 9.75
C VAL B 81 4.75 -28.71 8.82
N GLU B 82 3.52 -28.27 9.08
CA GLU B 82 2.90 -27.24 8.26
C GLU B 82 3.62 -25.90 8.40
N ALA B 83 4.25 -25.66 9.56
CA ALA B 83 4.94 -24.40 9.79
C ALA B 83 6.15 -24.22 8.87
N LEU B 84 6.61 -25.28 8.20
CA LEU B 84 7.66 -25.12 7.21
C LEU B 84 7.15 -24.40 5.96
N ARG B 85 5.84 -24.37 5.75
CA ARG B 85 5.25 -23.71 4.58
C ARG B 85 5.12 -22.20 4.83
N VAL B 86 6.27 -21.55 4.99
CA VAL B 86 6.29 -20.14 5.36
C VAL B 86 5.78 -19.23 4.25
N ALA B 87 5.78 -19.69 3.00
CA ALA B 87 5.29 -18.85 1.90
C ALA B 87 3.79 -18.61 1.99
N ASP B 88 3.05 -19.54 2.61
CA ASP B 88 1.59 -19.47 2.62
C ASP B 88 1.06 -18.21 3.31
N GLN B 89 1.88 -17.55 4.13
CA GLN B 89 1.37 -16.47 4.96
C GLN B 89 1.01 -15.23 4.14
N MET B 90 1.85 -14.87 3.17
CA MET B 90 1.67 -13.63 2.45
C MET B 90 2.39 -13.71 1.11
N VAL B 91 2.19 -12.68 0.30
CA VAL B 91 2.90 -12.53 -0.97
C VAL B 91 3.37 -11.09 -1.07
N SER B 92 4.53 -10.90 -1.71
CA SER B 92 5.15 -9.59 -1.85
C SER B 92 4.98 -9.13 -3.29
N ILE B 93 4.20 -8.08 -3.49
CA ILE B 93 3.98 -7.50 -4.81
C ILE B 93 4.58 -6.10 -4.78
N GLY B 94 5.76 -5.95 -5.39
CA GLY B 94 6.48 -4.70 -5.28
C GLY B 94 6.82 -4.43 -3.84
N ALA B 95 6.47 -3.22 -3.36
CA ALA B 95 6.71 -2.83 -1.98
C ALA B 95 5.50 -3.07 -1.09
N THR B 96 4.60 -3.97 -1.48
CA THR B 96 3.37 -4.23 -0.74
C THR B 96 3.38 -5.65 -0.21
N PHE B 97 3.24 -5.79 1.10
CA PHE B 97 3.19 -7.08 1.79
C PHE B 97 1.72 -7.41 2.02
N LEU B 98 1.14 -8.21 1.12
CA LEU B 98 -0.28 -8.52 1.15
C LEU B 98 -0.51 -9.81 1.93
N GLU B 99 -1.17 -9.69 3.08
CA GLU B 99 -1.50 -10.86 3.89
C GLU B 99 -2.57 -11.71 3.21
N MET B 100 -2.47 -13.03 3.40
CA MET B 100 -3.42 -13.95 2.78
C MET B 100 -4.66 -14.08 3.67
N PRO B 101 -5.81 -14.42 3.07
CA PRO B 101 -6.98 -14.74 3.90
C PRO B 101 -6.77 -16.05 4.63
N LEU B 102 -7.22 -16.09 5.88
CA LEU B 102 -6.99 -17.26 6.73
C LEU B 102 -8.20 -18.19 6.78
N THR B 103 -9.12 -18.06 5.81
CA THR B 103 -10.28 -18.95 5.76
C THR B 103 -9.86 -20.40 5.66
N GLY B 104 -8.77 -20.67 4.94
CA GLY B 104 -8.25 -22.01 4.85
C GLY B 104 -7.29 -22.33 5.99
N MET B 105 -6.63 -21.32 6.55
CA MET B 105 -5.64 -21.51 7.61
C MET B 105 -5.93 -20.58 8.77
N GLU B 106 -6.87 -20.95 9.63
CA GLU B 106 -7.07 -20.18 10.86
C GLU B 106 -6.42 -20.84 12.06
N HIS B 107 -6.09 -22.12 11.97
CA HIS B 107 -5.31 -22.80 12.99
C HIS B 107 -3.82 -22.50 12.89
N ARG B 108 -3.41 -21.70 11.91
CA ARG B 108 -2.02 -21.26 11.78
C ARG B 108 -1.83 -19.81 12.18
N ALA B 109 -2.83 -19.21 12.85
CA ALA B 109 -2.76 -17.78 13.17
C ALA B 109 -1.60 -17.47 14.10
N THR B 110 -1.36 -18.32 15.11
CA THR B 110 -0.28 -18.04 16.05
C THR B 110 1.08 -18.28 15.40
N GLU B 111 1.19 -19.29 14.54
CA GLU B 111 2.39 -19.43 13.72
C GLU B 111 2.62 -18.17 12.91
N PHE B 112 1.58 -17.67 12.25
CA PHE B 112 1.73 -16.49 11.41
C PHE B 112 2.13 -15.27 12.23
N MET B 113 1.64 -15.16 13.46
CA MET B 113 2.00 -13.99 14.26
C MET B 113 3.44 -14.07 14.74
N GLU B 114 3.93 -15.29 15.02
CA GLU B 114 5.33 -15.43 15.40
C GLU B 114 6.25 -15.10 14.24
N SER B 115 5.92 -15.57 13.02
CA SER B 115 6.72 -15.21 11.85
C SER B 115 6.72 -13.71 11.60
N MET B 116 5.66 -13.02 12.02
CA MET B 116 5.57 -11.58 11.79
C MET B 116 6.54 -10.82 12.68
N ARG B 117 6.84 -11.35 13.87
CA ARG B 117 7.83 -10.71 14.73
C ARG B 117 9.21 -10.76 14.10
N TYR B 118 9.56 -11.89 13.49
CA TYR B 118 10.83 -11.99 12.76
C TYR B 118 10.89 -10.97 11.63
N VAL B 119 9.77 -10.78 10.91
CA VAL B 119 9.75 -9.82 9.81
C VAL B 119 9.99 -8.41 10.33
N ARG B 120 9.31 -8.04 11.42
CA ARG B 120 9.51 -6.72 12.01
C ARG B 120 10.91 -6.56 12.58
N GLY B 121 11.44 -7.62 13.20
CA GLY B 121 12.77 -7.56 13.77
C GLY B 121 13.88 -7.45 12.74
N ALA B 122 13.62 -7.85 11.50
CA ALA B 122 14.59 -7.75 10.43
C ALA B 122 14.55 -6.39 9.73
N GLY B 123 13.63 -5.50 10.11
CA GLY B 123 13.49 -4.22 9.46
C GLY B 123 12.33 -4.11 8.51
N GLY B 124 11.38 -5.05 8.55
CA GLY B 124 10.25 -5.00 7.65
C GLY B 124 9.18 -4.07 8.17
N PRO B 125 8.11 -3.92 7.38
CA PRO B 125 6.98 -3.12 7.84
C PRO B 125 6.38 -3.73 9.10
N SER B 126 5.86 -2.86 9.97
CA SER B 126 5.31 -3.26 11.26
C SER B 126 3.94 -3.92 11.12
N THR B 127 3.16 -3.52 10.10
CA THR B 127 1.94 -4.21 9.71
C THR B 127 1.96 -4.62 8.24
N LEU B 128 1.16 -5.63 7.94
CA LEU B 128 0.88 -6.02 6.57
C LEU B 128 -0.41 -5.38 6.08
N ALA B 129 -0.51 -5.25 4.76
CA ALA B 129 -1.77 -4.86 4.15
C ALA B 129 -2.77 -6.00 4.26
N SER B 130 -3.97 -5.69 4.77
CA SER B 130 -4.98 -6.71 5.02
C SER B 130 -6.14 -6.61 4.02
N TYR B 131 -5.87 -6.07 2.83
CA TYR B 131 -6.91 -5.92 1.81
C TYR B 131 -7.59 -7.25 1.52
N LEU B 132 -6.81 -8.31 1.35
CA LEU B 132 -7.40 -9.62 1.06
C LEU B 132 -8.20 -10.14 2.25
N GLN B 133 -7.65 -10.01 3.46
CA GLN B 133 -8.39 -10.45 4.64
C GLN B 133 -9.62 -9.60 4.90
N ASP B 134 -9.59 -8.33 4.51
CA ASP B 134 -10.70 -7.42 4.74
C ASP B 134 -11.73 -7.44 3.61
N THR B 135 -11.52 -8.22 2.56
CA THR B 135 -12.47 -8.32 1.45
C THR B 135 -13.32 -9.58 1.61
N GLU B 136 -14.63 -9.40 1.68
CA GLU B 136 -15.53 -10.52 1.94
C GLU B 136 -15.48 -11.52 0.79
N ASN B 137 -15.53 -12.81 1.15
CA ASN B 137 -15.59 -13.93 0.22
C ASN B 137 -14.33 -14.08 -0.62
N CYS B 138 -13.23 -13.48 -0.19
CA CYS B 138 -11.95 -13.57 -0.89
C CYS B 138 -11.21 -14.82 -0.46
N ARG B 139 -10.86 -15.66 -1.42
CA ARG B 139 -10.02 -16.84 -1.19
C ARG B 139 -8.79 -16.72 -2.06
N CYS B 140 -7.61 -16.82 -1.45
CA CYS B 140 -6.37 -16.60 -2.18
C CYS B 140 -5.23 -17.39 -1.55
N ASN B 141 -4.41 -18.01 -2.39
CA ASN B 141 -3.23 -18.75 -1.97
C ASN B 141 -1.99 -18.04 -2.54
N SER B 142 -1.00 -17.80 -1.67
CA SER B 142 0.15 -17.02 -2.08
C SER B 142 0.88 -17.66 -3.27
N GLY B 143 0.87 -18.99 -3.35
CA GLY B 143 1.49 -19.68 -4.48
C GLY B 143 0.78 -19.45 -5.79
N ASP B 144 -0.48 -18.98 -5.77
CA ASP B 144 -1.19 -18.70 -7.01
C ASP B 144 -0.90 -17.32 -7.56
N VAL B 145 0.02 -16.58 -6.96
CA VAL B 145 0.41 -15.25 -7.41
C VAL B 145 1.88 -15.33 -7.85
N VAL B 146 2.12 -15.12 -9.14
CA VAL B 146 3.47 -15.21 -9.71
C VAL B 146 3.85 -13.84 -10.25
N CYS B 147 4.98 -13.32 -9.79
CA CYS B 147 5.39 -11.99 -10.20
C CYS B 147 6.16 -12.02 -11.51
N LEU B 148 5.88 -11.04 -12.36
CA LEU B 148 6.52 -10.87 -13.65
C LEU B 148 7.07 -9.46 -13.72
N PRO B 149 7.97 -9.17 -14.67
CA PRO B 149 8.57 -7.83 -14.72
C PRO B 149 7.58 -6.68 -14.77
N ASN B 150 6.49 -6.81 -15.55
CA ASN B 150 5.49 -5.76 -15.66
C ASN B 150 4.09 -6.34 -15.48
N GLY B 151 3.91 -7.14 -14.45
CA GLY B 151 2.61 -7.70 -14.16
C GLY B 151 2.71 -8.87 -13.20
N ILE B 152 1.55 -9.44 -12.90
CA ILE B 152 1.45 -10.65 -12.10
C ILE B 152 0.51 -11.62 -12.82
N ALA B 153 0.83 -12.91 -12.70
CA ALA B 153 -0.03 -13.97 -13.20
C ALA B 153 -0.71 -14.61 -12.00
N VAL B 154 -2.03 -14.60 -11.98
CA VAL B 154 -2.80 -15.13 -10.86
C VAL B 154 -3.54 -16.37 -11.34
N GLY B 155 -3.31 -17.49 -10.66
CA GLY B 155 -4.08 -18.69 -10.92
C GLY B 155 -5.48 -18.56 -10.37
N HIS B 156 -6.47 -18.92 -11.18
CA HIS B 156 -7.86 -18.97 -10.76
C HIS B 156 -8.31 -20.42 -10.78
N GLY B 157 -8.65 -20.95 -9.61
CA GLY B 157 -9.00 -22.35 -9.50
C GLY B 157 -9.43 -22.74 -8.09
N PRO B 158 -8.89 -23.86 -7.60
CA PRO B 158 -9.38 -24.42 -6.35
C PRO B 158 -8.88 -23.72 -5.09
N ARG B 159 -8.10 -22.66 -5.21
CA ARG B 159 -7.60 -21.95 -4.04
C ARG B 159 -7.87 -20.45 -4.11
N THR B 160 -7.83 -19.89 -5.31
CA THR B 160 -7.86 -18.43 -5.50
C THR B 160 -9.03 -18.10 -6.41
N ASN B 161 -10.04 -17.44 -5.86
CA ASN B 161 -11.30 -17.20 -6.55
C ASN B 161 -11.29 -15.83 -7.22
N ALA B 162 -12.43 -15.49 -7.84
CA ALA B 162 -12.50 -14.28 -8.65
C ALA B 162 -12.50 -13.01 -7.79
N VAL B 163 -13.01 -13.07 -6.57
CA VAL B 163 -12.93 -11.91 -5.68
C VAL B 163 -11.47 -11.53 -5.47
N ALA B 164 -10.62 -12.54 -5.22
CA ALA B 164 -9.19 -12.28 -5.11
C ALA B 164 -8.63 -11.64 -6.38
N HIS B 165 -9.01 -12.17 -7.55
CA HIS B 165 -8.53 -11.62 -8.80
C HIS B 165 -9.01 -10.18 -8.99
N THR B 166 -10.29 -9.92 -8.70
CA THR B 166 -10.81 -8.56 -8.77
C THR B 166 -10.04 -7.63 -7.83
N THR B 167 -9.89 -8.04 -6.57
CA THR B 167 -9.19 -7.22 -5.59
C THR B 167 -7.76 -6.93 -6.03
N LEU B 168 -7.03 -7.97 -6.46
CA LEU B 168 -5.67 -7.78 -6.94
C LEU B 168 -5.62 -6.85 -8.14
N LYS B 169 -6.63 -6.91 -9.01
CA LYS B 169 -6.68 -6.01 -10.15
C LYS B 169 -6.93 -4.57 -9.70
N GLN B 170 -7.91 -4.37 -8.82
CA GLN B 170 -8.15 -3.02 -8.31
C GLN B 170 -6.94 -2.47 -7.58
N LEU B 171 -6.13 -3.35 -6.99
CA LEU B 171 -5.00 -2.88 -6.19
C LEU B 171 -3.79 -2.54 -7.04
N PHE B 172 -3.50 -3.34 -8.07
CA PHE B 172 -2.20 -3.24 -8.74
C PHE B 172 -2.26 -2.94 -10.23
N GLU B 173 -3.36 -3.25 -10.91
CA GLU B 173 -3.39 -3.04 -12.35
C GLU B 173 -3.41 -1.54 -12.68
N VAL B 174 -2.53 -1.13 -13.60
CA VAL B 174 -2.49 0.23 -14.09
C VAL B 174 -2.24 0.20 -15.60
N LYS B 175 -3.25 0.57 -16.38
CA LYS B 175 -3.13 0.75 -17.83
C LYS B 175 -2.85 2.23 -18.09
N ASP B 176 -1.60 2.62 -17.83
CA ASP B 176 -1.16 3.98 -18.08
C ASP B 176 0.14 3.96 -18.90
N ASP B 177 0.78 5.12 -19.03
CA ASP B 177 2.08 5.22 -19.68
C ASP B 177 3.18 4.68 -18.77
N SER B 180 3.30 -0.37 -17.83
CA SER B 180 2.07 -1.14 -17.92
C SER B 180 2.10 -2.33 -16.97
N PHE B 181 1.35 -2.24 -15.87
CA PHE B 181 1.23 -3.35 -14.94
C PHE B 181 -0.11 -4.03 -15.13
N ASP B 182 -0.07 -5.30 -15.52
CA ASP B 182 -1.26 -6.10 -15.78
C ASP B 182 -1.40 -7.15 -14.69
N VAL B 183 -2.62 -7.66 -14.54
CA VAL B 183 -2.92 -8.73 -13.59
C VAL B 183 -3.61 -9.83 -14.41
N PHE B 184 -2.82 -10.81 -14.87
CA PHE B 184 -3.35 -11.86 -15.72
C PHE B 184 -4.04 -12.93 -14.89
N THR B 185 -5.21 -13.37 -15.36
CA THR B 185 -5.89 -14.52 -14.78
C THR B 185 -5.54 -15.76 -15.61
N LEU B 186 -5.03 -16.79 -14.94
CA LEU B 186 -4.70 -18.06 -15.57
C LEU B 186 -5.60 -19.13 -14.97
N GLU B 187 -6.57 -19.59 -15.75
CA GLU B 187 -7.59 -20.49 -15.25
C GLU B 187 -7.03 -21.90 -15.07
N GLN B 188 -7.20 -22.45 -13.87
CA GLN B 188 -6.61 -23.72 -13.50
C GLN B 188 -7.66 -24.81 -13.47
N GLU B 189 -7.23 -26.04 -13.71
CA GLU B 189 -8.09 -27.19 -13.54
C GLU B 189 -8.21 -27.52 -12.05
N GLY B 190 -9.22 -28.34 -11.73
CA GLY B 190 -9.54 -28.58 -10.33
C GLY B 190 -8.39 -29.16 -9.54
N ASP B 191 -7.60 -30.05 -10.14
CA ASP B 191 -6.51 -30.71 -9.43
C ASP B 191 -5.17 -29.99 -9.61
N ALA B 192 -5.18 -28.71 -9.94
CA ALA B 192 -3.93 -28.00 -10.16
C ALA B 192 -3.26 -27.67 -8.83
N PRO B 193 -1.94 -27.82 -8.73
CA PRO B 193 -1.21 -27.29 -7.57
C PRO B 193 -1.18 -25.77 -7.63
N PRO B 194 -0.68 -25.11 -6.58
CA PRO B 194 -0.51 -23.66 -6.67
C PRO B 194 0.32 -23.28 -7.90
N LEU B 195 -0.11 -22.20 -8.57
CA LEU B 195 0.49 -21.84 -9.86
C LEU B 195 2.01 -21.79 -9.80
N GLY B 196 2.55 -21.19 -8.74
CA GLY B 196 3.99 -20.96 -8.65
C GLY B 196 4.82 -22.23 -8.52
N ASP B 197 4.19 -23.35 -8.15
CA ASP B 197 4.93 -24.60 -8.05
C ASP B 197 5.35 -25.13 -9.43
N TYR B 198 4.64 -24.75 -10.49
CA TYR B 198 4.90 -25.28 -11.82
C TYR B 198 5.03 -24.18 -12.88
N PHE B 199 5.08 -22.92 -12.47
CA PHE B 199 5.06 -21.80 -13.39
C PHE B 199 5.74 -20.63 -12.70
N GLY B 200 6.74 -20.05 -13.35
CA GLY B 200 7.48 -18.97 -12.73
C GLY B 200 8.28 -18.21 -13.75
N PHE B 201 8.91 -17.13 -13.28
CA PHE B 201 9.70 -16.24 -14.10
C PHE B 201 11.17 -16.38 -13.74
N ALA B 202 12.03 -16.20 -14.74
CA ALA B 202 13.47 -16.33 -14.54
C ALA B 202 14.20 -15.39 -15.50
N GLY B 203 15.37 -14.94 -15.07
CA GLY B 203 16.19 -14.07 -15.92
C GLY B 203 15.49 -12.75 -16.18
N SER B 204 15.40 -12.38 -17.45
CA SER B 204 14.66 -11.20 -17.86
C SER B 204 13.41 -11.51 -18.67
N ASN B 205 13.42 -12.60 -19.46
CA ASN B 205 12.24 -12.95 -20.23
C ASN B 205 11.97 -14.46 -20.26
N VAL B 206 12.57 -15.24 -19.37
CA VAL B 206 12.42 -16.69 -19.41
C VAL B 206 11.23 -17.10 -18.57
N LEU B 207 10.37 -17.95 -19.15
CA LEU B 207 9.21 -18.51 -18.47
C LEU B 207 9.45 -20.01 -18.29
N LEU B 208 9.65 -20.43 -17.04
CA LEU B 208 9.80 -21.85 -16.75
C LEU B 208 8.44 -22.46 -16.42
N THR B 209 8.18 -23.63 -17.00
CA THR B 209 6.89 -24.26 -16.80
C THR B 209 7.06 -25.77 -16.82
N TRP B 210 6.21 -26.46 -16.05
CA TRP B 210 6.17 -27.91 -16.06
C TRP B 210 5.47 -28.39 -17.33
N LYS B 211 5.90 -29.57 -17.80
CA LYS B 211 5.41 -30.13 -19.05
C LYS B 211 4.13 -30.94 -18.88
N ASP B 212 3.31 -30.61 -17.89
CA ASP B 212 2.06 -31.32 -17.67
C ASP B 212 0.88 -30.47 -18.14
N GLU B 213 -0.33 -30.97 -17.90
CA GLU B 213 -1.53 -30.26 -18.32
C GLU B 213 -1.56 -28.85 -17.77
N HIS B 214 -1.10 -28.66 -16.53
CA HIS B 214 -1.27 -27.38 -15.84
C HIS B 214 -0.31 -26.33 -16.36
N GLY B 215 0.97 -26.67 -16.50
CA GLY B 215 1.92 -25.71 -17.07
C GLY B 215 1.63 -25.40 -18.53
N LEU B 216 1.30 -26.42 -19.32
CA LEU B 216 1.03 -26.18 -20.74
C LEU B 216 -0.21 -25.33 -20.94
N LEU B 217 -1.26 -25.56 -20.14
CA LEU B 217 -2.44 -24.70 -20.21
C LEU B 217 -2.13 -23.28 -19.77
N ALA B 218 -1.34 -23.12 -18.70
CA ALA B 218 -0.98 -21.78 -18.25
C ALA B 218 -0.20 -21.02 -19.31
N VAL B 219 0.74 -21.70 -19.97
CA VAL B 219 1.54 -21.06 -21.02
C VAL B 219 0.66 -20.68 -22.21
N ASP B 220 -0.24 -21.58 -22.62
CA ASP B 220 -1.17 -21.27 -23.70
C ASP B 220 -1.97 -20.00 -23.41
N GLN B 221 -2.49 -19.88 -22.17
CA GLN B 221 -3.27 -18.70 -21.84
C GLN B 221 -2.39 -17.46 -21.74
N TYR B 222 -1.21 -17.58 -21.10
CA TYR B 222 -0.35 -16.42 -20.94
C TYR B 222 0.05 -15.82 -22.28
N GLN B 223 0.47 -16.68 -23.22
CA GLN B 223 0.96 -16.19 -24.50
C GLN B 223 -0.13 -15.51 -25.31
N GLN B 224 -1.40 -15.86 -25.09
CA GLN B 224 -2.48 -15.12 -25.72
C GLN B 224 -2.67 -13.76 -25.06
N LYS B 225 -2.65 -13.71 -23.73
CA LYS B 225 -2.92 -12.46 -23.02
C LYS B 225 -1.77 -11.47 -23.11
N GLN B 226 -0.55 -11.94 -23.39
CA GLN B 226 0.61 -11.08 -23.58
C GLN B 226 1.29 -11.53 -24.87
N PRO B 227 0.77 -11.11 -26.02
CA PRO B 227 1.22 -11.67 -27.31
C PRO B 227 2.27 -10.86 -28.07
N HIS B 228 2.76 -9.73 -27.53
CA HIS B 228 3.59 -8.84 -28.33
C HIS B 228 5.05 -8.77 -27.90
N THR B 229 5.39 -9.27 -26.71
CA THR B 229 6.78 -9.33 -26.27
C THR B 229 7.18 -10.80 -26.13
N GLU B 230 8.22 -11.19 -26.86
CA GLU B 230 8.62 -12.59 -26.90
C GLU B 230 9.08 -13.06 -25.53
N MET B 231 8.48 -14.15 -25.05
CA MET B 231 8.88 -14.80 -23.82
C MET B 231 9.46 -16.18 -24.16
N ASN B 232 10.68 -16.43 -23.68
CA ASN B 232 11.36 -17.70 -23.91
C ASN B 232 10.83 -18.72 -22.93
N VAL B 233 9.97 -19.62 -23.40
CA VAL B 233 9.38 -20.63 -22.53
C VAL B 233 10.34 -21.80 -22.40
N VAL B 234 10.66 -22.17 -21.17
CA VAL B 234 11.53 -23.30 -20.87
C VAL B 234 10.71 -24.37 -20.16
N TYR B 235 10.75 -25.59 -20.69
CA TYR B 235 9.94 -26.68 -20.16
C TYR B 235 10.75 -27.56 -19.23
N LEU B 236 10.16 -27.89 -18.08
CA LEU B 236 10.78 -28.74 -17.08
C LEU B 236 10.00 -30.05 -16.94
N GLU B 237 10.68 -31.07 -16.47
CA GLU B 237 10.00 -32.33 -16.18
C GLU B 237 8.98 -32.12 -15.06
N PRO B 238 7.73 -32.55 -15.24
CA PRO B 238 6.75 -32.43 -14.15
C PRO B 238 7.26 -33.12 -12.88
N GLY B 239 7.16 -32.39 -11.76
CA GLY B 239 7.72 -32.83 -10.51
C GLY B 239 9.04 -32.18 -10.16
N CYS B 240 9.65 -31.46 -11.09
CA CYS B 240 10.95 -30.81 -10.87
C CYS B 240 10.73 -29.53 -10.10
N HIS B 241 10.85 -29.63 -8.78
CA HIS B 241 10.72 -28.45 -7.94
C HIS B 241 11.83 -27.46 -8.26
N PHE B 242 11.49 -26.18 -8.23
CA PHE B 242 12.43 -25.13 -8.59
C PHE B 242 12.09 -23.88 -7.78
N LEU B 243 13.08 -22.99 -7.68
CA LEU B 243 12.90 -21.71 -7.01
C LEU B 243 13.47 -20.61 -7.90
N SER B 244 12.60 -19.71 -8.34
CA SER B 244 12.96 -18.60 -9.21
C SER B 244 11.83 -17.59 -9.17
N PHE B 245 12.18 -16.31 -9.14
CA PHE B 245 11.17 -15.26 -9.09
C PHE B 245 11.77 -13.93 -9.50
N TYR B 246 10.88 -13.01 -9.87
CA TYR B 246 11.26 -11.64 -10.24
C TYR B 246 11.45 -10.83 -8.96
N GLY B 247 12.70 -10.58 -8.60
CA GLY B 247 13.01 -9.86 -7.38
C GLY B 247 13.25 -8.38 -7.58
N VAL B 248 14.41 -7.90 -7.15
CA VAL B 248 14.72 -6.47 -7.18
C VAL B 248 16.01 -6.16 -7.94
N ASP B 249 16.72 -7.17 -8.46
CA ASP B 249 18.01 -6.90 -9.08
C ASP B 249 18.36 -7.75 -10.30
N HIS B 250 17.41 -8.49 -10.88
CA HIS B 250 17.68 -9.25 -12.11
C HIS B 250 18.79 -10.30 -11.97
N THR B 251 18.50 -11.42 -11.33
CA THR B 251 19.42 -12.54 -11.34
C THR B 251 19.09 -13.53 -12.46
N ILE B 252 20.07 -14.37 -12.80
CA ILE B 252 19.86 -15.50 -13.70
C ILE B 252 19.96 -16.83 -12.94
N ASP B 253 20.07 -16.79 -11.61
CA ASP B 253 20.16 -17.99 -10.81
C ASP B 253 18.78 -18.66 -10.69
N VAL B 254 18.77 -19.99 -10.74
CA VAL B 254 17.54 -20.77 -10.62
C VAL B 254 17.86 -22.04 -9.84
N LEU B 255 17.26 -22.20 -8.66
CA LEU B 255 17.43 -23.42 -7.87
C LEU B 255 16.63 -24.54 -8.50
N VAL B 256 17.24 -25.71 -8.65
CA VAL B 256 16.62 -26.86 -9.31
C VAL B 256 16.80 -28.09 -8.44
N GLN B 257 15.72 -28.83 -8.23
CA GLN B 257 15.79 -30.08 -7.47
C GLN B 257 16.78 -31.05 -8.11
N LYS B 258 17.67 -31.61 -7.28
CA LYS B 258 18.68 -32.53 -7.75
C LYS B 258 18.04 -33.83 -8.23
N GLY B 259 18.48 -34.31 -9.40
CA GLY B 259 17.93 -35.51 -10.00
C GLY B 259 17.17 -35.25 -11.29
N TYR B 260 16.76 -34.01 -11.53
CA TYR B 260 16.03 -33.64 -12.75
C TYR B 260 17.04 -33.12 -13.78
N GLU B 261 17.69 -34.09 -14.43
CA GLU B 261 18.80 -33.87 -15.34
C GLU B 261 18.40 -33.01 -16.52
N ARG B 262 17.41 -33.49 -17.28
CA ARG B 262 16.98 -32.80 -18.49
C ARG B 262 16.46 -31.40 -18.16
N SER B 263 15.74 -31.27 -17.04
CA SER B 263 15.26 -29.97 -16.61
C SER B 263 16.41 -28.99 -16.42
N MET B 264 17.49 -29.46 -15.77
CA MET B 264 18.63 -28.58 -15.54
C MET B 264 19.30 -28.20 -16.85
N ASP B 265 19.35 -29.12 -17.81
CA ASP B 265 19.93 -28.81 -19.11
C ASP B 265 19.09 -27.76 -19.85
N SER B 266 17.76 -27.87 -19.77
CA SER B 266 16.91 -26.88 -20.45
C SER B 266 17.11 -25.50 -19.86
N ILE B 267 17.24 -25.41 -18.53
CA ILE B 267 17.47 -24.12 -17.89
C ILE B 267 18.80 -23.53 -18.35
N ALA B 268 19.83 -24.35 -18.43
CA ALA B 268 21.12 -23.88 -18.92
C ALA B 268 21.07 -23.58 -20.42
N ALA B 269 20.18 -24.23 -21.16
CA ALA B 269 20.04 -23.96 -22.58
C ALA B 269 19.45 -22.58 -22.86
N ALA B 270 18.76 -21.99 -21.88
CA ALA B 270 18.20 -20.66 -22.03
C ALA B 270 19.14 -19.57 -21.53
N GLY B 271 20.38 -19.92 -21.19
CA GLY B 271 21.30 -18.95 -20.66
C GLY B 271 21.17 -18.69 -19.18
N LEU B 272 20.62 -19.63 -18.42
CA LEU B 272 20.43 -19.47 -16.99
C LEU B 272 21.40 -20.36 -16.22
N ASN B 273 21.40 -20.20 -14.91
CA ASN B 273 22.35 -20.88 -14.01
C ASN B 273 21.59 -21.81 -13.07
N PRO B 274 21.34 -23.06 -13.49
CA PRO B 274 20.66 -24.01 -12.59
C PRO B 274 21.58 -24.42 -11.45
N ILE B 275 21.14 -24.18 -10.22
CA ILE B 275 21.86 -24.53 -9.00
C ILE B 275 21.14 -25.74 -8.39
N PRO B 276 21.75 -26.93 -8.42
CA PRO B 276 21.05 -28.12 -7.94
C PRO B 276 20.88 -28.10 -6.41
N VAL B 277 19.74 -28.61 -5.96
CA VAL B 277 19.37 -28.61 -4.55
C VAL B 277 18.76 -29.95 -4.22
N GLN B 278 19.33 -30.63 -3.22
CA GLN B 278 18.73 -31.87 -2.74
C GLN B 278 17.42 -31.56 -2.02
N TRP B 279 16.33 -32.19 -2.47
CA TRP B 279 15.00 -31.88 -1.96
C TRP B 279 14.13 -33.14 -1.80
N SER B 280 14.74 -34.32 -1.77
CA SER B 280 13.97 -35.56 -1.77
C SER B 280 13.02 -35.64 -0.58
N GLU B 281 13.48 -35.30 0.61
CA GLU B 281 12.66 -35.53 1.80
C GLU B 281 11.52 -34.52 1.90
N MET B 282 11.77 -33.25 1.61
CA MET B 282 10.69 -32.28 1.57
C MET B 282 9.69 -32.61 0.46
N ASP B 283 10.20 -33.12 -0.67
CA ASP B 283 9.31 -33.53 -1.75
C ASP B 283 8.39 -34.65 -1.30
N LYS B 284 8.93 -35.62 -0.55
CA LYS B 284 8.09 -36.72 -0.06
C LYS B 284 6.99 -36.19 0.85
N LEU B 285 7.29 -35.16 1.64
CA LEU B 285 6.29 -34.56 2.51
C LEU B 285 5.25 -33.77 1.74
N GLY B 286 5.52 -33.45 0.48
CA GLY B 286 4.61 -32.62 -0.29
C GLY B 286 4.85 -31.13 -0.15
N ILE B 287 6.08 -30.71 0.13
CA ILE B 287 6.41 -29.30 0.31
C ILE B 287 7.37 -28.89 -0.79
N SER B 288 6.95 -27.94 -1.62
CA SER B 288 7.81 -27.41 -2.66
C SER B 288 8.91 -26.54 -2.05
N MET B 289 9.93 -26.24 -2.87
CA MET B 289 10.92 -25.26 -2.48
C MET B 289 10.28 -23.88 -2.37
N ARG B 290 9.35 -23.57 -3.27
CA ARG B 290 8.63 -22.30 -3.19
C ARG B 290 7.85 -22.19 -1.89
N ALA B 291 7.22 -23.28 -1.46
CA ALA B 291 6.42 -23.27 -0.23
C ALA B 291 7.26 -22.96 1.00
N ALA B 292 8.54 -23.34 0.99
CA ALA B 292 9.38 -23.28 2.18
C ALA B 292 10.21 -22.00 2.27
N VAL B 293 9.98 -21.03 1.37
CA VAL B 293 10.72 -19.77 1.36
C VAL B 293 9.73 -18.63 1.29
N LEU B 294 9.87 -17.64 2.19
CA LEU B 294 9.06 -16.44 2.19
C LEU B 294 9.91 -15.29 1.65
N PRO B 295 9.84 -14.99 0.35
CA PRO B 295 10.67 -13.90 -0.20
C PRO B 295 10.00 -12.54 -0.07
N LEU B 296 10.58 -11.65 0.74
CA LEU B 296 10.02 -10.33 0.97
C LEU B 296 10.90 -9.28 0.29
N LYS B 297 10.28 -8.41 -0.50
CA LYS B 297 11.00 -7.39 -1.26
C LYS B 297 11.06 -6.12 -0.42
N PHE B 298 12.16 -5.94 0.29
CA PHE B 298 12.39 -4.73 1.07
C PHE B 298 12.68 -3.56 0.12
N PHE B 299 11.79 -2.57 0.11
CA PHE B 299 11.95 -1.43 -0.77
C PHE B 299 12.31 -0.17 0.03
#